data_4IRI
#
_entry.id   4IRI
#
_cell.length_a   51.486
_cell.length_b   51.486
_cell.length_c   141.313
_cell.angle_alpha   90.00
_cell.angle_beta   90.00
_cell.angle_gamma   90.00
#
_symmetry.space_group_name_H-M   'P 41 2 2'
#
loop_
_entity.id
_entity.type
_entity.pdbx_description
1 polymer 'Transcriptional regulator ERG'
2 polymer "DNA (5'-D(*GP*AP*CP*CP*GP*GP*AP*AP*GP*TP*GP*G)-3')"
3 polymer "DNA (5'-D(*CP*CP*AP*CP*TP*TP*CP*CP*GP*GP*TP*C)-3')"
4 water water
#
loop_
_entity_poly.entity_id
_entity_poly.type
_entity_poly.pdbx_seq_one_letter_code
_entity_poly.pdbx_strand_id
1 'polypeptide(L)'
;GAMVPKTEDQRPQLDPYQILGPTSSRLANPGSGQIQLWQFLLELLSDSSNSSCITWEGTNGEFKMTDPDEVARRWGERKS
KPNMNYDKLSRALRYYYDKNIMTKVHGKRYAYKFDFHGIAQALQPHPPE
;
A
2 'polydeoxyribonucleotide' (DG)(DA)(DC)(DC)(DG)(DG)(DA)(DA)(DG)(DT)(DG)(DG) B
3 'polydeoxyribonucleotide' (DC)(DC)(DA)(DC)(DT)(DT)(DC)(DC)(DG)(DG)(DT)(DC) C
#
# COMPACT_ATOMS: atom_id res chain seq x y z
N GLY A 33 -2.92 -14.04 8.65
CA GLY A 33 -2.51 -12.63 8.97
C GLY A 33 -3.74 -11.74 9.24
N GLN A 34 -3.62 -10.84 10.24
CA GLN A 34 -4.70 -9.88 10.58
C GLN A 34 -4.39 -8.41 10.21
N ILE A 35 -3.12 -8.13 10.00
CA ILE A 35 -2.74 -6.86 9.49
C ILE A 35 -3.30 -6.63 8.07
N GLN A 36 -3.59 -5.35 7.80
CA GLN A 36 -4.14 -4.88 6.55
C GLN A 36 -3.16 -4.17 5.68
N LEU A 37 -3.34 -4.42 4.40
CA LEU A 37 -2.40 -4.00 3.44
C LEU A 37 -2.10 -2.55 3.65
N TRP A 38 -3.13 -1.72 3.79
CA TRP A 38 -2.83 -0.29 3.92
C TRP A 38 -2.02 -0.05 5.15
N GLN A 39 -2.28 -0.81 6.21
CA GLN A 39 -1.53 -0.61 7.45
C GLN A 39 -0.05 -0.93 7.27
N PHE A 40 0.17 -1.94 6.45
CA PHE A 40 1.50 -2.50 6.24
C PHE A 40 2.28 -1.59 5.33
N LEU A 41 1.63 -1.08 4.31
CA LEU A 41 2.28 -0.10 3.49
C LEU A 41 2.77 1.10 4.31
N LEU A 42 1.93 1.54 5.25
CA LEU A 42 2.36 2.60 6.13
C LEU A 42 3.55 2.28 6.99
N GLU A 43 3.57 1.08 7.53
CA GLU A 43 4.65 0.62 8.32
C GLU A 43 5.96 0.79 7.58
N LEU A 44 5.95 0.31 6.34
CA LEU A 44 7.09 0.41 5.48
C LEU A 44 7.53 1.82 5.21
N LEU A 45 6.51 2.64 4.98
CA LEU A 45 6.62 4.06 4.62
C LEU A 45 7.08 4.88 5.78
N SER A 46 6.78 4.41 6.99
CA SER A 46 7.19 5.06 8.23
C SER A 46 8.69 4.95 8.53
N ASP A 47 9.41 4.03 7.88
CA ASP A 47 10.84 4.06 7.97
C ASP A 47 11.44 4.34 6.61
N SER A 48 12.34 5.30 6.46
CA SER A 48 12.84 5.60 5.11
C SER A 48 13.99 4.64 4.70
N SER A 49 14.45 3.77 5.59
CA SER A 49 15.32 2.71 5.20
C SER A 49 14.67 1.78 4.16
N ASN A 50 13.36 1.82 4.03
CA ASN A 50 12.62 0.97 3.09
C ASN A 50 12.40 1.61 1.76
N SER A 51 13.04 2.75 1.58
CA SER A 51 12.91 3.59 0.41
C SER A 51 13.44 2.89 -0.82
N SER A 52 14.28 1.90 -0.60
CA SER A 52 14.78 1.11 -1.67
C SER A 52 13.62 0.36 -2.34
N CYS A 53 12.49 0.27 -1.66
CA CYS A 53 11.35 -0.37 -2.30
C CYS A 53 10.00 0.40 -2.27
N ILE A 54 9.84 1.30 -1.33
CA ILE A 54 8.63 2.11 -1.31
C ILE A 54 8.97 3.44 -0.68
N THR A 55 8.34 4.49 -1.15
CA THR A 55 8.67 5.77 -0.57
C THR A 55 7.58 6.82 -0.74
N TRP A 56 7.45 7.74 0.20
CA TRP A 56 6.53 8.87 0.05
C TRP A 56 7.03 9.75 -1.06
N GLU A 57 6.15 10.17 -1.96
CA GLU A 57 6.60 11.15 -2.97
C GLU A 57 5.43 11.88 -3.54
N GLY A 58 5.38 13.19 -3.33
CA GLY A 58 4.31 13.97 -3.91
C GLY A 58 3.55 14.78 -2.89
N THR A 59 2.27 14.93 -3.16
CA THR A 59 1.40 15.64 -2.25
C THR A 59 1.12 14.72 -1.07
N ASN A 60 0.40 15.23 -0.07
CA ASN A 60 0.04 14.48 1.11
C ASN A 60 -0.64 13.14 0.79
N GLY A 61 -0.02 12.04 1.17
CA GLY A 61 -0.61 10.72 0.95
C GLY A 61 -0.03 9.95 -0.20
N GLU A 62 0.57 10.64 -1.17
CA GLU A 62 1.16 10.01 -2.35
C GLU A 62 2.40 9.19 -2.00
N PHE A 63 2.60 8.10 -2.72
CA PHE A 63 3.79 7.35 -2.57
C PHE A 63 3.95 6.50 -3.81
N LYS A 64 5.12 5.94 -4.01
CA LYS A 64 5.32 5.06 -5.14
C LYS A 64 6.23 3.91 -4.77
N MET A 65 5.99 2.78 -5.42
CA MET A 65 6.76 1.59 -5.14
C MET A 65 7.92 1.64 -6.06
N THR A 66 9.06 1.92 -5.48
CA THR A 66 10.28 1.86 -6.23
C THR A 66 10.69 0.43 -6.60
N ASP A 67 10.27 -0.56 -5.83
CA ASP A 67 10.44 -1.93 -6.24
C ASP A 67 9.19 -2.70 -5.98
N PRO A 68 8.29 -2.72 -6.95
CA PRO A 68 6.98 -3.30 -6.65
C PRO A 68 7.08 -4.77 -6.21
N ASP A 69 8.08 -5.48 -6.72
CA ASP A 69 8.18 -6.90 -6.47
C ASP A 69 8.64 -7.22 -5.07
N GLU A 70 9.55 -6.43 -4.53
CA GLU A 70 10.00 -6.67 -3.20
C GLU A 70 8.87 -6.35 -2.26
N VAL A 71 8.14 -5.26 -2.49
CA VAL A 71 6.95 -5.00 -1.67
C VAL A 71 6.02 -6.25 -1.58
N ALA A 72 5.75 -6.86 -2.72
CA ALA A 72 4.93 -8.01 -2.77
C ALA A 72 5.58 -9.18 -2.08
N ARG A 73 6.86 -9.40 -2.19
CA ARG A 73 7.33 -10.62 -1.56
C ARG A 73 7.30 -10.42 -0.05
N ARG A 74 7.41 -9.18 0.39
CA ARG A 74 7.36 -8.89 1.80
C ARG A 74 5.97 -9.08 2.40
N TRP A 75 4.97 -8.65 1.67
CA TRP A 75 3.59 -8.73 2.09
C TRP A 75 3.21 -10.20 2.14
N GLY A 76 3.70 -10.91 1.14
CA GLY A 76 3.53 -12.32 1.11
C GLY A 76 4.10 -12.97 2.34
N GLU A 77 5.31 -12.58 2.70
CA GLU A 77 6.02 -13.12 3.87
C GLU A 77 5.17 -12.91 5.12
N ARG A 78 4.69 -11.68 5.22
CA ARG A 78 3.96 -11.23 6.38
C ARG A 78 2.62 -11.95 6.62
N LYS A 79 2.00 -12.35 5.51
CA LYS A 79 0.70 -13.01 5.50
C LYS A 79 0.78 -14.49 5.27
N SER A 80 1.99 -15.05 5.29
CA SER A 80 2.25 -16.44 4.92
C SER A 80 1.62 -16.90 3.60
N LYS A 81 1.52 -15.99 2.65
CA LYS A 81 1.09 -16.32 1.29
C LYS A 81 2.28 -16.17 0.30
N PRO A 82 3.05 -17.24 0.04
CA PRO A 82 4.30 -17.07 -0.71
C PRO A 82 4.17 -16.93 -2.24
N ASN A 83 3.00 -17.17 -2.80
CA ASN A 83 2.78 -16.82 -4.19
C ASN A 83 2.33 -15.40 -4.38
N MET A 84 2.43 -14.56 -3.36
CA MET A 84 2.09 -13.17 -3.51
C MET A 84 2.98 -12.56 -4.60
N ASN A 85 2.34 -11.73 -5.43
CA ASN A 85 3.07 -10.93 -6.42
C ASN A 85 2.37 -9.58 -6.61
N TYR A 86 2.96 -8.70 -7.39
CA TYR A 86 2.40 -7.37 -7.56
C TYR A 86 1.01 -7.41 -8.20
N ASP A 87 0.81 -8.28 -9.18
CA ASP A 87 -0.47 -8.32 -9.89
C ASP A 87 -1.61 -8.55 -8.85
N LYS A 88 -1.38 -9.46 -7.90
CA LYS A 88 -2.37 -9.73 -6.88
C LYS A 88 -2.47 -8.60 -5.87
N LEU A 89 -1.33 -8.04 -5.51
CA LEU A 89 -1.34 -7.03 -4.48
C LEU A 89 -2.08 -5.83 -5.05
N SER A 90 -1.85 -5.54 -6.30
CA SER A 90 -2.41 -4.34 -6.87
C SER A 90 -3.90 -4.49 -6.90
N ARG A 91 -4.40 -5.70 -7.06
CA ARG A 91 -5.85 -5.92 -7.04
C ARG A 91 -6.44 -5.54 -5.70
N ALA A 92 -5.70 -5.87 -4.66
CA ALA A 92 -6.19 -5.60 -3.36
C ALA A 92 -6.28 -4.10 -3.12
N LEU A 93 -5.34 -3.35 -3.69
CA LEU A 93 -5.33 -1.89 -3.61
C LEU A 93 -6.47 -1.31 -4.38
N ARG A 94 -6.93 -2.01 -5.41
CA ARG A 94 -7.91 -1.45 -6.32
C ARG A 94 -9.21 -1.49 -5.59
N TYR A 95 -9.41 -2.57 -4.82
CA TYR A 95 -10.57 -2.63 -3.91
C TYR A 95 -10.66 -1.44 -2.95
N TYR A 96 -9.53 -0.83 -2.64
CA TYR A 96 -9.56 0.26 -1.74
C TYR A 96 -10.18 1.51 -2.33
N TYR A 97 -10.41 1.53 -3.62
CA TYR A 97 -10.92 2.73 -4.30
C TYR A 97 -12.32 3.07 -3.87
N ASP A 98 -13.17 2.06 -3.80
CA ASP A 98 -14.53 2.25 -3.32
C ASP A 98 -14.59 2.55 -1.86
N LYS A 99 -13.67 2.01 -1.10
CA LYS A 99 -13.62 2.32 0.32
C LYS A 99 -13.11 3.73 0.62
N ASN A 100 -12.59 4.44 -0.39
CA ASN A 100 -11.90 5.77 -0.29
C ASN A 100 -10.69 5.68 0.61
N ILE A 101 -10.01 4.53 0.58
CA ILE A 101 -8.76 4.39 1.36
C ILE A 101 -7.57 4.84 0.54
N MET A 102 -7.78 4.92 -0.78
CA MET A 102 -6.72 5.11 -1.70
C MET A 102 -7.24 5.42 -3.08
N THR A 103 -6.49 6.24 -3.83
CA THR A 103 -6.74 6.40 -5.25
C THR A 103 -5.48 6.05 -6.02
N LYS A 104 -5.62 5.80 -7.32
CA LYS A 104 -4.43 5.69 -8.18
C LYS A 104 -3.97 7.08 -8.57
N VAL A 105 -2.64 7.27 -8.59
CA VAL A 105 -2.02 8.46 -9.16
C VAL A 105 -1.88 8.25 -10.66
N HIS A 106 -2.62 9.00 -11.48
CA HIS A 106 -2.77 8.64 -12.88
C HIS A 106 -1.54 9.07 -13.74
N GLY A 107 -1.06 8.10 -14.54
CA GLY A 107 0.12 8.30 -15.39
C GLY A 107 1.42 8.28 -14.61
N LYS A 108 1.41 7.55 -13.51
CA LYS A 108 2.60 7.37 -12.72
C LYS A 108 2.59 5.95 -12.16
N ARG A 109 3.61 5.23 -12.56
CA ARG A 109 3.66 3.81 -12.44
C ARG A 109 3.93 3.46 -11.04
N TYR A 110 3.14 2.52 -10.55
CA TYR A 110 3.28 2.07 -9.19
C TYR A 110 3.05 3.18 -8.17
N ALA A 111 2.29 4.24 -8.52
CA ALA A 111 2.03 5.35 -7.56
C ALA A 111 0.59 5.36 -7.11
N TYR A 112 0.35 5.46 -5.81
CA TYR A 112 -1.00 5.62 -5.24
C TYR A 112 -0.99 6.72 -4.21
N LYS A 113 -2.17 7.09 -3.74
CA LYS A 113 -2.35 8.18 -2.81
C LYS A 113 -3.33 7.68 -1.74
N PHE A 114 -2.93 7.73 -0.47
CA PHE A 114 -3.82 7.40 0.64
C PHE A 114 -4.82 8.53 0.76
N ASP A 115 -6.07 8.25 1.11
CA ASP A 115 -7.05 9.29 1.37
C ASP A 115 -7.50 9.12 2.83
N PHE A 116 -7.43 10.20 3.57
CA PHE A 116 -7.84 10.24 4.96
C PHE A 116 -9.30 10.01 5.22
N HIS A 117 -10.16 10.34 4.26
CA HIS A 117 -11.57 10.09 4.47
C HIS A 117 -11.80 8.64 4.88
N GLY A 118 -11.17 7.70 4.18
CA GLY A 118 -11.43 6.27 4.41
C GLY A 118 -10.53 5.59 5.42
N ILE A 119 -9.31 6.08 5.53
CA ILE A 119 -8.42 5.64 6.59
C ILE A 119 -9.10 5.90 7.90
N ALA A 120 -9.64 7.11 8.09
CA ALA A 120 -10.36 7.42 9.33
C ALA A 120 -11.34 6.31 9.71
N GLN A 121 -12.02 5.76 8.70
CA GLN A 121 -13.09 4.78 8.92
C GLN A 121 -12.56 3.41 9.20
N ALA A 122 -11.55 3.04 8.46
CA ALA A 122 -10.87 1.76 8.63
C ALA A 122 -10.07 1.64 9.94
N LEU A 123 -9.83 2.76 10.63
CA LEU A 123 -9.20 2.75 11.93
C LEU A 123 -10.18 2.57 13.05
N GLN A 124 -11.46 2.65 12.72
CA GLN A 124 -12.49 2.45 13.72
C GLN A 124 -12.76 0.96 13.84
N PRO A 125 -12.80 0.44 15.08
CA PRO A 125 -13.30 -0.90 15.43
C PRO A 125 -14.84 -1.06 15.37
N HIS A 126 -15.40 -1.99 16.13
CA HIS A 126 -16.83 -2.41 16.03
C HIS A 126 -17.90 -1.28 16.07
#